data_9G1N
#
_entry.id   9G1N
#
_cell.length_a   67.786
_cell.length_b   89.477
_cell.length_c   44.891
_cell.angle_alpha   90.000
_cell.angle_beta   90.000
_cell.angle_gamma   90.000
#
_symmetry.space_group_name_H-M   'P 21 21 2'
#
loop_
_entity.id
_entity.type
_entity.pdbx_description
1 polymer 'Fosfomycin resistance protein'
2 non-polymer 1,2-ETHANEDIOL
3 non-polymer 3-phenyl-1,2-oxazol-5-amine
4 non-polymer 'MANGANESE (II) ION'
5 water water
#
_entity_poly.entity_id   1
_entity_poly.type   'polypeptide(L)'
_entity_poly.pdbx_seq_one_letter_code
;MLSGLNHLTLAVSQLAPSVAFYQQLLGMTLHARWDSGAYLSCGDLWLCLSLDPQRRVTPPEESDYTHYAFSISEADFASF
AARLEAAGVAVWKLNRSEGASHYFLDPDGHKLELHVGSLAQRLAACREQPYKGMVFFEQHHHHHH
;
_entity_poly.pdbx_strand_id   A,B
#
loop_
_chem_comp.id
_chem_comp.type
_chem_comp.name
_chem_comp.formula
EDO non-polymer 1,2-ETHANEDIOL 'C2 H6 O2'
MN non-polymer 'MANGANESE (II) ION' 'Mn 2'
VNV non-polymer 3-phenyl-1,2-oxazol-5-amine 'C9 H8 N2 O'
#
# COMPACT_ATOMS: atom_id res chain seq x y z
N MET A 1 4.69 -17.69 8.12
CA MET A 1 5.34 -16.46 7.57
C MET A 1 4.31 -15.49 6.98
N LEU A 2 4.80 -14.38 6.46
CA LEU A 2 3.94 -13.40 5.83
C LEU A 2 3.59 -13.84 4.42
N SER A 3 2.35 -13.57 4.01
N SER A 3 2.34 -13.63 4.05
CA SER A 3 1.85 -14.15 2.78
CA SER A 3 1.93 -13.94 2.68
C SER A 3 1.33 -13.15 1.75
C SER A 3 0.87 -12.96 2.20
N GLY A 4 1.45 -11.85 1.99
N GLY A 4 1.31 -11.99 1.41
CA GLY A 4 1.00 -10.86 1.03
CA GLY A 4 0.41 -11.07 0.79
C GLY A 4 0.35 -9.70 1.75
C GLY A 4 0.13 -9.85 1.65
N LEU A 5 -0.25 -8.78 0.98
CA LEU A 5 -0.90 -7.65 1.61
C LEU A 5 -2.31 -8.04 2.05
N ASN A 6 -2.57 -7.93 3.35
CA ASN A 6 -3.90 -8.17 3.87
C ASN A 6 -4.85 -7.03 3.52
N HIS A 7 -4.42 -5.79 3.71
CA HIS A 7 -5.19 -4.62 3.33
C HIS A 7 -4.28 -3.39 3.23
N LEU A 8 -4.74 -2.43 2.43
CA LEU A 8 -4.18 -1.09 2.33
C LEU A 8 -5.16 -0.13 2.96
N THR A 9 -4.71 0.66 3.94
CA THR A 9 -5.54 1.69 4.57
C THR A 9 -4.99 3.05 4.22
N LEU A 10 -5.82 3.88 3.62
CA LEU A 10 -5.48 5.26 3.29
C LEU A 10 -6.23 6.17 4.23
N ALA A 11 -5.50 7.04 4.92
CA ALA A 11 -6.12 8.10 5.69
C ALA A 11 -6.67 9.15 4.73
N VAL A 12 -7.91 9.58 4.96
CA VAL A 12 -8.54 10.57 4.09
C VAL A 12 -9.06 11.72 4.94
N SER A 13 -9.06 12.91 4.35
CA SER A 13 -9.51 14.10 5.07
C SER A 13 -11.02 14.31 4.94
N GLN A 14 -11.62 13.89 3.84
CA GLN A 14 -13.06 14.03 3.62
C GLN A 14 -13.55 12.72 3.03
N LEU A 15 -14.43 12.03 3.76
CA LEU A 15 -14.76 10.66 3.39
C LEU A 15 -15.53 10.61 2.07
N ALA A 16 -16.54 11.46 1.92
CA ALA A 16 -17.42 11.36 0.75
C ALA A 16 -16.66 11.54 -0.57
N PRO A 17 -15.84 12.57 -0.76
N PRO A 17 -15.88 12.60 -0.78
CA PRO A 17 -15.12 12.69 -2.05
CA PRO A 17 -15.11 12.69 -2.03
C PRO A 17 -14.15 11.55 -2.26
C PRO A 17 -14.18 11.51 -2.26
N SER A 18 -13.57 11.00 -1.19
N SER A 18 -13.55 11.01 -1.18
CA SER A 18 -12.66 9.90 -1.37
CA SER A 18 -12.65 9.88 -1.33
C SER A 18 -13.39 8.63 -1.79
C SER A 18 -13.39 8.64 -1.80
N VAL A 19 -14.53 8.33 -1.16
CA VAL A 19 -15.31 7.18 -1.60
C VAL A 19 -15.69 7.34 -3.07
N ALA A 20 -16.14 8.54 -3.45
CA ALA A 20 -16.53 8.75 -4.83
C ALA A 20 -15.36 8.54 -5.78
N PHE A 21 -14.17 8.99 -5.39
CA PHE A 21 -13.00 8.81 -6.24
C PHE A 21 -12.70 7.34 -6.46
N TYR A 22 -12.64 6.55 -5.39
CA TYR A 22 -12.26 5.15 -5.53
C TYR A 22 -13.37 4.31 -6.16
N GLN A 23 -14.62 4.58 -5.81
CA GLN A 23 -15.73 3.78 -6.33
C GLN A 23 -16.17 4.28 -7.71
N GLN A 24 -16.52 5.55 -7.82
CA GLN A 24 -17.07 6.03 -9.08
C GLN A 24 -15.99 6.21 -10.14
N LEU A 25 -14.91 6.90 -9.81
CA LEU A 25 -13.93 7.22 -10.83
C LEU A 25 -13.04 6.03 -11.15
N LEU A 26 -12.54 5.35 -10.12
CA LEU A 26 -11.63 4.21 -10.36
C LEU A 26 -12.36 2.88 -10.52
N GLY A 27 -13.65 2.81 -10.21
CA GLY A 27 -14.41 1.61 -10.46
C GLY A 27 -14.26 0.51 -9.42
N MET A 28 -13.71 0.84 -8.25
CA MET A 28 -13.62 -0.22 -7.26
C MET A 28 -15.00 -0.50 -6.65
N THR A 29 -15.10 -1.67 -6.02
CA THR A 29 -16.35 -2.15 -5.45
C THR A 29 -16.48 -1.65 -4.01
N LEU A 30 -17.56 -0.94 -3.72
CA LEU A 30 -17.84 -0.46 -2.38
C LEU A 30 -18.65 -1.52 -1.62
N HIS A 31 -18.13 -1.97 -0.49
CA HIS A 31 -18.81 -2.98 0.33
C HIS A 31 -19.51 -2.40 1.54
N ALA A 32 -18.95 -1.37 2.14
CA ALA A 32 -19.56 -0.78 3.33
C ALA A 32 -19.01 0.62 3.52
N ARG A 33 -19.85 1.47 4.12
CA ARG A 33 -19.50 2.84 4.43
C ARG A 33 -20.08 3.16 5.79
N TRP A 34 -19.33 3.89 6.61
CA TRP A 34 -19.81 4.33 7.92
C TRP A 34 -19.32 5.74 8.18
N ASP A 35 -19.61 6.26 9.36
CA ASP A 35 -19.36 7.68 9.59
C ASP A 35 -17.88 8.03 9.46
N SER A 36 -17.00 7.05 9.70
N SER A 36 -16.99 7.07 9.70
CA SER A 36 -15.57 7.31 9.76
CA SER A 36 -15.57 7.43 9.66
C SER A 36 -14.74 6.48 8.79
C SER A 36 -14.76 6.46 8.80
N GLY A 37 -15.37 5.81 7.83
CA GLY A 37 -14.57 5.04 6.89
C GLY A 37 -15.38 4.33 5.84
N ALA A 38 -14.67 3.58 5.01
CA ALA A 38 -15.31 2.74 4.00
C ALA A 38 -14.41 1.56 3.69
N TYR A 39 -15.03 0.45 3.29
CA TYR A 39 -14.32 -0.72 2.81
C TYR A 39 -14.65 -0.94 1.33
N LEU A 40 -13.62 -1.04 0.50
CA LEU A 40 -13.75 -1.33 -0.92
C LEU A 40 -12.85 -2.50 -1.28
N SER A 41 -13.12 -3.10 -2.43
CA SER A 41 -12.21 -4.08 -3.00
C SER A 41 -11.89 -3.72 -4.44
N CYS A 42 -10.70 -4.12 -4.85
CA CYS A 42 -10.20 -3.95 -6.21
C CYS A 42 -9.58 -5.30 -6.53
N GLY A 43 -10.31 -6.14 -7.24
CA GLY A 43 -9.88 -7.53 -7.35
C GLY A 43 -9.75 -8.12 -5.95
N ASP A 44 -8.59 -8.70 -5.67
N ASP A 44 -8.58 -8.69 -5.67
CA ASP A 44 -8.31 -9.28 -4.36
CA ASP A 44 -8.29 -9.28 -4.38
C ASP A 44 -7.93 -8.25 -3.30
C ASP A 44 -7.71 -8.30 -3.38
N LEU A 45 -7.70 -7.01 -3.68
CA LEU A 45 -7.21 -6.01 -2.75
C LEU A 45 -8.34 -5.53 -1.86
N TRP A 46 -8.13 -5.56 -0.55
CA TRP A 46 -8.99 -4.91 0.44
C TRP A 46 -8.43 -3.53 0.70
N LEU A 47 -9.19 -2.51 0.31
CA LEU A 47 -8.88 -1.12 0.54
C LEU A 47 -9.78 -0.56 1.62
N CYS A 48 -9.16 0.08 2.61
N CYS A 48 -9.18 0.06 2.64
CA CYS A 48 -9.85 0.80 3.66
CA CYS A 48 -9.93 0.78 3.65
C CYS A 48 -9.58 2.28 3.47
C CYS A 48 -9.60 2.27 3.56
N LEU A 49 -10.65 3.09 3.45
CA LEU A 49 -10.52 4.53 3.57
C LEU A 49 -10.90 4.89 5.01
N SER A 50 -9.99 5.57 5.71
CA SER A 50 -10.19 5.88 7.11
C SER A 50 -10.17 7.38 7.31
N LEU A 51 -11.29 7.94 7.79
CA LEU A 51 -11.38 9.36 8.03
C LEU A 51 -10.40 9.72 9.14
N ASP A 52 -9.50 10.65 8.86
CA ASP A 52 -8.46 10.97 9.81
C ASP A 52 -8.30 12.49 9.84
N PRO A 53 -8.64 13.14 10.96
CA PRO A 53 -8.42 14.59 11.04
C PRO A 53 -6.97 15.00 10.83
N GLN A 54 -6.01 14.07 10.96
N GLN A 54 -6.01 14.07 10.96
CA GLN A 54 -4.61 14.40 10.76
CA GLN A 54 -4.61 14.38 10.78
C GLN A 54 -4.21 14.39 9.29
C GLN A 54 -4.14 14.22 9.33
N ARG A 55 -5.01 13.81 8.41
CA ARG A 55 -4.64 13.76 6.99
C ARG A 55 -4.65 15.16 6.38
N ARG A 56 -3.55 15.50 5.72
CA ARG A 56 -3.47 16.76 4.99
C ARG A 56 -3.49 16.49 3.49
N VAL A 57 -4.10 17.42 2.77
CA VAL A 57 -4.07 17.40 1.32
C VAL A 57 -2.67 17.83 0.93
N THR A 58 -1.90 16.93 0.34
CA THR A 58 -0.46 17.09 0.26
C THR A 58 -0.01 17.23 -1.18
N PRO A 59 0.58 18.34 -1.58
CA PRO A 59 1.09 18.44 -2.94
C PRO A 59 2.19 17.43 -3.17
N PRO A 60 2.35 16.95 -4.40
CA PRO A 60 3.28 15.83 -4.64
C PRO A 60 4.74 16.20 -4.43
N GLU A 61 5.10 17.47 -4.53
CA GLU A 61 6.46 17.88 -4.26
C GLU A 61 6.79 17.86 -2.77
N GLU A 62 5.78 17.74 -1.90
N GLU A 62 5.77 17.77 -1.90
CA GLU A 62 6.00 17.74 -0.47
CA GLU A 62 5.94 17.74 -0.46
C GLU A 62 5.72 16.37 0.15
C GLU A 62 5.96 16.32 0.11
N SER A 63 5.60 15.32 -0.68
CA SER A 63 5.66 13.95 -0.21
C SER A 63 6.76 13.17 -0.92
N ASP A 64 7.21 12.11 -0.25
CA ASP A 64 8.20 11.21 -0.83
C ASP A 64 7.57 10.30 -1.89
N TYR A 65 8.38 9.38 -2.41
CA TYR A 65 8.01 8.55 -3.55
C TYR A 65 7.10 7.38 -3.19
N THR A 66 6.71 7.22 -1.93
CA THR A 66 5.82 6.13 -1.55
C THR A 66 4.56 6.21 -2.40
N HIS A 67 4.16 5.09 -3.01
CA HIS A 67 3.02 5.12 -3.91
C HIS A 67 2.39 3.74 -4.05
N TYR A 68 1.17 3.72 -4.60
CA TYR A 68 0.32 2.53 -4.68
C TYR A 68 -0.10 2.36 -6.13
N ALA A 69 0.27 1.24 -6.73
CA ALA A 69 -0.03 0.97 -8.13
C ALA A 69 -1.10 -0.10 -8.26
N PHE A 70 -2.04 0.13 -9.18
CA PHE A 70 -3.14 -0.78 -9.45
C PHE A 70 -2.92 -1.41 -10.82
N SER A 71 -3.26 -2.68 -10.91
CA SER A 71 -3.11 -3.44 -12.14
C SER A 71 -4.23 -3.13 -13.13
N ILE A 72 -3.85 -3.02 -14.39
CA ILE A 72 -4.78 -2.82 -15.48
C ILE A 72 -4.20 -3.52 -16.70
N SER A 73 -5.09 -4.00 -17.57
CA SER A 73 -4.63 -4.73 -18.73
C SER A 73 -4.07 -3.79 -19.79
N GLU A 74 -3.26 -4.37 -20.68
CA GLU A 74 -2.72 -3.60 -21.80
C GLU A 74 -3.85 -3.01 -22.64
N ALA A 75 -4.96 -3.76 -22.81
CA ALA A 75 -6.05 -3.28 -23.64
C ALA A 75 -6.79 -2.10 -23.02
N ASP A 76 -6.84 -2.00 -21.69
CA ASP A 76 -7.62 -0.96 -21.02
C ASP A 76 -6.78 0.24 -20.58
N PHE A 77 -5.46 0.11 -20.55
CA PHE A 77 -4.60 1.09 -19.90
C PHE A 77 -4.80 2.50 -20.45
N ALA A 78 -4.66 2.66 -21.77
CA ALA A 78 -4.62 4.00 -22.33
C ALA A 78 -5.96 4.73 -22.17
N SER A 79 -7.06 4.03 -22.37
N SER A 79 -7.06 4.02 -22.43
CA SER A 79 -8.35 4.71 -22.29
CA SER A 79 -8.38 4.63 -22.28
C SER A 79 -8.71 5.07 -20.85
C SER A 79 -8.58 5.11 -20.85
N PHE A 80 -8.25 4.27 -19.87
CA PHE A 80 -8.47 4.60 -18.46
C PHE A 80 -7.64 5.80 -18.07
N ALA A 81 -6.36 5.81 -18.46
CA ALA A 81 -5.51 6.97 -18.20
C ALA A 81 -6.10 8.23 -18.84
N ALA A 82 -6.55 8.13 -20.09
CA ALA A 82 -7.06 9.31 -20.77
C ALA A 82 -8.33 9.82 -20.11
N ARG A 83 -9.16 8.90 -19.58
CA ARG A 83 -10.37 9.31 -18.89
C ARG A 83 -10.04 10.03 -17.59
N LEU A 84 -9.02 9.54 -16.85
CA LEU A 84 -8.60 10.28 -15.66
C LEU A 84 -8.11 11.67 -16.03
N GLU A 85 -7.30 11.78 -17.08
CA GLU A 85 -6.84 13.08 -17.55
C GLU A 85 -8.00 14.00 -17.89
N ALA A 86 -8.97 13.49 -18.64
CA ALA A 86 -10.09 14.33 -19.05
C ALA A 86 -10.94 14.75 -17.86
N ALA A 87 -10.97 13.94 -16.81
CA ALA A 87 -11.70 14.27 -15.59
C ALA A 87 -10.96 15.27 -14.71
N GLY A 88 -9.74 15.66 -15.07
CA GLY A 88 -9.01 16.64 -14.31
C GLY A 88 -8.20 16.09 -13.17
N VAL A 89 -7.94 14.78 -13.15
CA VAL A 89 -7.16 14.18 -12.08
C VAL A 89 -5.72 14.65 -12.19
N ALA A 90 -5.17 15.12 -11.07
CA ALA A 90 -3.82 15.67 -11.06
C ALA A 90 -2.79 14.55 -11.17
N VAL A 91 -1.62 14.92 -11.66
N VAL A 91 -1.60 14.92 -11.70
CA VAL A 91 -0.57 13.96 -11.89
CA VAL A 91 -0.54 13.98 -12.05
C VAL A 91 0.60 14.29 -10.98
C VAL A 91 0.76 14.38 -11.35
N TRP A 92 1.59 13.40 -11.02
CA TRP A 92 2.74 13.62 -10.18
C TRP A 92 4.00 13.12 -10.83
N LYS A 93 3.90 12.39 -11.94
CA LYS A 93 5.11 11.92 -12.60
C LYS A 93 4.77 11.59 -14.04
N LEU A 94 5.73 11.85 -14.93
CA LEU A 94 5.54 11.61 -16.36
C LEU A 94 6.51 10.60 -16.95
N ASN A 95 7.75 10.57 -16.47
CA ASN A 95 8.76 9.68 -17.03
C ASN A 95 8.47 8.23 -16.65
N ARG A 96 8.42 7.35 -17.65
CA ARG A 96 8.11 5.94 -17.44
C ARG A 96 9.39 5.20 -17.13
N SER A 97 9.77 5.21 -15.86
CA SER A 97 11.00 4.59 -15.40
C SER A 97 10.81 3.14 -14.96
N GLU A 98 9.59 2.64 -14.94
CA GLU A 98 9.30 1.28 -14.51
C GLU A 98 8.24 0.65 -15.40
N GLY A 99 8.31 0.93 -16.71
CA GLY A 99 7.38 0.34 -17.66
C GLY A 99 6.18 1.21 -17.94
N ALA A 100 5.10 0.55 -18.37
CA ALA A 100 3.88 1.24 -18.81
C ALA A 100 3.07 1.63 -17.58
N SER A 101 3.13 2.92 -17.23
CA SER A 101 2.53 3.41 -16.01
C SER A 101 1.95 4.81 -16.23
N HIS A 102 0.87 5.09 -15.52
CA HIS A 102 0.26 6.42 -15.45
C HIS A 102 0.20 6.81 -13.97
N TYR A 103 0.77 7.98 -13.64
CA TYR A 103 0.94 8.42 -12.26
C TYR A 103 -0.04 9.54 -11.94
N PHE A 104 -0.91 9.31 -10.96
CA PHE A 104 -1.97 10.27 -10.65
C PHE A 104 -2.17 10.35 -9.15
N LEU A 105 -2.87 11.41 -8.72
CA LEU A 105 -3.07 11.71 -7.31
C LEU A 105 -4.54 11.53 -6.93
N ASP A 106 -4.77 11.05 -5.71
CA ASP A 106 -6.11 11.03 -5.14
C ASP A 106 -6.40 12.39 -4.52
N PRO A 107 -7.63 12.60 -4.02
CA PRO A 107 -8.01 13.93 -3.54
C PRO A 107 -7.14 14.47 -2.42
N ASP A 108 -6.52 13.60 -1.64
CA ASP A 108 -5.63 14.03 -0.57
C ASP A 108 -4.17 14.04 -0.97
N GLY A 109 -3.88 13.76 -2.23
CA GLY A 109 -2.50 13.68 -2.67
C GLY A 109 -1.84 12.35 -2.49
N HIS A 110 -2.57 11.30 -2.13
CA HIS A 110 -1.97 9.98 -2.15
C HIS A 110 -1.48 9.70 -3.57
N LYS A 111 -0.26 9.19 -3.68
CA LYS A 111 0.35 8.92 -4.97
C LYS A 111 -0.08 7.54 -5.47
N LEU A 112 -0.81 7.54 -6.57
CA LEU A 112 -1.33 6.36 -7.21
C LEU A 112 -0.72 6.16 -8.58
N GLU A 113 -0.94 4.97 -9.12
CA GLU A 113 -0.38 4.57 -10.40
C GLU A 113 -1.26 3.49 -11.02
N LEU A 114 -1.45 3.59 -12.32
CA LEU A 114 -1.91 2.47 -13.14
C LEU A 114 -0.68 1.83 -13.76
N HIS A 115 -0.57 0.51 -13.67
CA HIS A 115 0.58 -0.17 -14.25
C HIS A 115 0.16 -1.43 -14.98
N VAL A 116 0.75 -1.66 -16.15
CA VAL A 116 0.55 -2.87 -16.92
C VAL A 116 1.76 -3.76 -16.70
N GLY A 117 1.54 -4.94 -16.13
CA GLY A 117 2.60 -5.94 -16.04
C GLY A 117 2.90 -6.42 -14.65
N SER A 118 3.40 -7.64 -14.55
CA SER A 118 3.74 -8.28 -13.30
C SER A 118 5.19 -8.01 -12.91
N LEU A 119 5.55 -8.45 -11.70
CA LEU A 119 6.94 -8.38 -11.26
C LEU A 119 7.83 -9.22 -12.17
N ALA A 120 7.38 -10.42 -12.54
CA ALA A 120 8.17 -11.24 -13.45
C ALA A 120 8.43 -10.52 -14.75
N GLN A 121 7.41 -9.86 -15.32
CA GLN A 121 7.61 -9.10 -16.56
C GLN A 121 8.55 -7.93 -16.35
N ARG A 122 8.46 -7.25 -15.21
N ARG A 122 8.42 -7.24 -15.21
CA ARG A 122 9.37 -6.13 -14.96
CA ARG A 122 9.34 -6.15 -14.88
C ARG A 122 10.81 -6.63 -14.83
C ARG A 122 10.78 -6.65 -14.86
N LEU A 123 11.01 -7.76 -14.17
CA LEU A 123 12.36 -8.30 -14.05
C LEU A 123 12.92 -8.66 -15.43
N ALA A 124 12.09 -9.27 -16.28
CA ALA A 124 12.55 -9.61 -17.63
C ALA A 124 12.91 -8.36 -18.41
N ALA A 125 12.09 -7.31 -18.30
CA ALA A 125 12.41 -6.08 -19.02
C ALA A 125 13.70 -5.46 -18.49
N CYS A 126 13.91 -5.55 -17.16
CA CYS A 126 15.09 -4.97 -16.53
C CYS A 126 16.36 -5.71 -16.92
N ARG A 127 16.26 -6.99 -17.27
CA ARG A 127 17.46 -7.69 -17.71
C ARG A 127 18.03 -7.03 -18.97
N GLU A 128 17.14 -6.52 -19.84
CA GLU A 128 17.58 -5.86 -21.07
C GLU A 128 17.88 -4.38 -20.83
N GLN A 129 17.11 -3.74 -19.95
CA GLN A 129 17.21 -2.32 -19.66
C GLN A 129 17.29 -2.17 -18.15
N PRO A 130 18.42 -2.58 -17.57
CA PRO A 130 18.50 -2.60 -16.11
C PRO A 130 18.65 -1.21 -15.51
N TYR A 131 18.16 -1.07 -14.29
N TYR A 131 18.18 -1.10 -14.27
CA TYR A 131 18.48 0.10 -13.49
CA TYR A 131 18.54 0.05 -13.47
C TYR A 131 19.96 0.07 -13.12
C TYR A 131 20.04 0.08 -13.28
N LYS A 132 20.55 1.25 -12.91
CA LYS A 132 21.97 1.35 -12.62
C LYS A 132 22.37 0.46 -11.45
N GLY A 133 23.36 -0.41 -11.70
CA GLY A 133 23.88 -1.30 -10.68
C GLY A 133 23.01 -2.49 -10.37
N MET A 134 22.05 -2.82 -11.22
CA MET A 134 21.11 -3.88 -10.91
C MET A 134 21.76 -5.26 -10.81
N VAL A 135 21.37 -6.00 -9.77
N VAL A 135 21.39 -6.00 -9.78
CA VAL A 135 21.71 -7.40 -9.56
CA VAL A 135 21.72 -7.40 -9.64
C VAL A 135 20.41 -8.18 -9.40
C VAL A 135 20.45 -8.18 -9.40
N PHE A 136 20.38 -9.38 -9.98
CA PHE A 136 19.21 -10.24 -9.91
C PHE A 136 19.55 -11.47 -9.08
N PHE A 137 18.61 -11.87 -8.24
CA PHE A 137 18.80 -13.04 -7.38
C PHE A 137 17.90 -14.18 -7.84
N MET B 1 -10.74 -2.14 -16.54
CA MET B 1 -11.01 -1.99 -15.09
C MET B 1 -9.76 -2.39 -14.34
N LEU B 2 -9.70 -1.98 -13.08
CA LEU B 2 -8.55 -2.32 -12.25
C LEU B 2 -8.75 -3.68 -11.63
N SER B 3 -7.68 -4.48 -11.61
CA SER B 3 -7.80 -5.88 -11.22
C SER B 3 -7.07 -6.25 -9.94
N GLY B 4 -6.49 -5.30 -9.22
CA GLY B 4 -5.86 -5.57 -7.95
C GLY B 4 -4.75 -4.58 -7.69
N LEU B 5 -4.04 -4.79 -6.59
CA LEU B 5 -2.82 -4.05 -6.33
C LEU B 5 -1.70 -4.60 -7.18
N ASN B 6 -1.11 -3.75 -8.01
CA ASN B 6 0.03 -4.18 -8.81
C ASN B 6 1.31 -4.21 -7.98
N HIS B 7 1.62 -3.11 -7.29
CA HIS B 7 2.78 -3.07 -6.40
C HIS B 7 2.59 -1.97 -5.35
N LEU B 8 3.30 -2.16 -4.24
CA LEU B 8 3.42 -1.17 -3.18
C LEU B 8 4.87 -0.69 -3.20
N THR B 9 5.07 0.63 -3.28
CA THR B 9 6.41 1.19 -3.25
C THR B 9 6.56 2.03 -2.00
N LEU B 10 7.58 1.73 -1.22
CA LEU B 10 7.92 2.49 -0.02
C LEU B 10 9.20 3.27 -0.27
N ALA B 11 9.14 4.58 -0.06
CA ALA B 11 10.35 5.38 -0.07
C ALA B 11 11.13 5.11 1.20
N VAL B 12 12.45 4.92 1.06
CA VAL B 12 13.32 4.61 2.17
C VAL B 12 14.50 5.56 2.20
N SER B 13 14.98 5.86 3.41
CA SER B 13 16.10 6.79 3.54
C SER B 13 17.45 6.10 3.40
N GLN B 14 17.53 4.82 3.74
CA GLN B 14 18.78 4.06 3.68
C GLN B 14 18.43 2.67 3.18
N LEU B 15 18.98 2.29 2.02
CA LEU B 15 18.54 1.05 1.39
C LEU B 15 18.94 -0.18 2.17
N ALA B 16 20.18 -0.23 2.68
CA ALA B 16 20.64 -1.45 3.33
C ALA B 16 19.81 -1.83 4.54
N PRO B 17 19.54 -0.96 5.51
CA PRO B 17 18.71 -1.40 6.65
C PRO B 17 17.29 -1.74 6.24
N SER B 18 16.76 -1.11 5.21
CA SER B 18 15.41 -1.43 4.76
C SER B 18 15.37 -2.80 4.11
N VAL B 19 16.36 -3.13 3.28
CA VAL B 19 16.43 -4.48 2.74
C VAL B 19 16.56 -5.50 3.87
N ALA B 20 17.41 -5.21 4.85
CA ALA B 20 17.57 -6.14 5.98
C ALA B 20 16.24 -6.35 6.69
N PHE B 21 15.47 -5.28 6.88
CA PHE B 21 14.20 -5.37 7.60
C PHE B 21 13.20 -6.21 6.83
N TYR B 22 13.00 -5.92 5.54
CA TYR B 22 11.97 -6.62 4.78
C TYR B 22 12.40 -8.04 4.42
N GLN B 23 13.66 -8.23 4.03
CA GLN B 23 14.11 -9.56 3.64
C GLN B 23 14.43 -10.43 4.85
N GLN B 24 15.35 -9.98 5.71
CA GLN B 24 15.84 -10.86 6.76
C GLN B 24 14.89 -10.93 7.95
N LEU B 25 14.43 -9.77 8.44
CA LEU B 25 13.54 -9.80 9.60
C LEU B 25 12.14 -10.27 9.23
N LEU B 26 11.56 -9.70 8.18
N LEU B 26 11.56 -9.71 8.18
CA LEU B 26 10.19 -10.07 7.84
CA LEU B 26 10.19 -10.06 7.81
C LEU B 26 10.10 -11.32 6.97
C LEU B 26 10.09 -11.23 6.85
N GLY B 27 11.21 -11.75 6.35
CA GLY B 27 11.21 -12.94 5.54
C GLY B 27 10.75 -12.84 4.10
N MET B 28 10.65 -11.64 3.55
CA MET B 28 10.25 -11.46 2.16
C MET B 28 11.38 -11.90 1.23
N THR B 29 11.01 -12.25 0.01
CA THR B 29 11.98 -12.73 -0.96
C THR B 29 12.54 -11.56 -1.75
N LEU B 30 13.87 -11.43 -1.77
CA LEU B 30 14.56 -10.40 -2.53
C LEU B 30 14.82 -10.88 -3.94
N HIS B 31 14.24 -10.20 -4.93
CA HIS B 31 14.43 -10.59 -6.32
C HIS B 31 15.49 -9.79 -7.05
N ALA B 32 15.67 -8.52 -6.70
CA ALA B 32 16.65 -7.70 -7.37
C ALA B 32 16.94 -6.47 -6.52
N ARG B 33 18.11 -5.92 -6.70
CA ARG B 33 18.54 -4.71 -6.02
C ARG B 33 19.39 -3.92 -6.99
N TRP B 34 19.28 -2.60 -6.91
CA TRP B 34 20.08 -1.70 -7.72
C TRP B 34 20.52 -0.54 -6.85
N ASP B 35 21.27 0.40 -7.43
CA ASP B 35 21.88 1.42 -6.60
C ASP B 35 20.84 2.23 -5.82
N SER B 36 19.61 2.34 -6.34
CA SER B 36 18.61 3.15 -5.65
C SER B 36 17.32 2.40 -5.33
N GLY B 37 17.34 1.08 -5.24
CA GLY B 37 16.13 0.41 -4.79
C GLY B 37 16.26 -1.10 -4.80
N ALA B 38 15.13 -1.74 -4.51
CA ALA B 38 15.05 -3.19 -4.49
C ALA B 38 13.63 -3.64 -4.78
N TYR B 39 13.52 -4.85 -5.33
CA TYR B 39 12.23 -5.52 -5.54
C TYR B 39 12.18 -6.76 -4.68
N LEU B 40 11.10 -6.88 -3.89
CA LEU B 40 10.85 -8.05 -3.08
C LEU B 40 9.44 -8.55 -3.36
N SER B 41 9.19 -9.80 -2.98
CA SER B 41 7.84 -10.32 -2.99
C SER B 41 7.49 -10.92 -1.65
N CYS B 42 6.20 -10.87 -1.35
CA CYS B 42 5.62 -11.42 -0.13
C CYS B 42 4.30 -12.04 -0.57
N GLY B 43 4.27 -13.35 -0.75
CA GLY B 43 3.12 -13.92 -1.44
C GLY B 43 2.91 -13.24 -2.78
N ASP B 44 1.68 -12.82 -3.05
N ASP B 44 1.66 -12.84 -3.06
CA ASP B 44 1.34 -12.13 -4.28
CA ASP B 44 1.36 -12.13 -4.30
C ASP B 44 1.62 -10.62 -4.23
C ASP B 44 1.86 -10.69 -4.32
N LEU B 45 2.22 -10.12 -3.15
CA LEU B 45 2.61 -8.72 -3.10
C LEU B 45 3.97 -8.49 -3.74
N TRP B 46 4.01 -7.56 -4.70
CA TRP B 46 5.24 -6.99 -5.23
C TRP B 46 5.54 -5.73 -4.45
N LEU B 47 6.63 -5.75 -3.69
CA LEU B 47 7.08 -4.61 -2.89
C LEU B 47 8.31 -4.00 -3.55
N CYS B 48 8.31 -2.68 -3.72
N CYS B 48 8.29 -2.69 -3.71
CA CYS B 48 9.48 -1.96 -4.17
CA CYS B 48 9.45 -1.93 -4.15
C CYS B 48 9.95 -1.05 -3.05
C CYS B 48 9.94 -1.07 -2.99
N LEU B 49 11.23 -1.13 -2.71
CA LEU B 49 11.89 -0.17 -1.84
C LEU B 49 12.63 0.81 -2.75
N SER B 50 12.34 2.10 -2.60
CA SER B 50 12.91 3.12 -3.46
C SER B 50 13.71 4.10 -2.60
N LEU B 51 15.02 4.14 -2.82
CA LEU B 51 15.87 5.06 -2.07
C LEU B 51 15.50 6.49 -2.44
N ASP B 52 15.16 7.28 -1.45
CA ASP B 52 14.64 8.62 -1.67
C ASP B 52 15.19 9.57 -0.62
N PRO B 53 16.05 10.52 -1.00
N PRO B 53 16.09 10.48 -0.99
CA PRO B 53 16.58 11.47 -0.01
CA PRO B 53 16.51 11.52 -0.03
C PRO B 53 15.52 12.38 0.59
C PRO B 53 15.34 12.25 0.61
N GLN B 54 14.30 12.38 0.03
N GLN B 54 14.21 12.35 -0.09
CA GLN B 54 13.19 13.11 0.63
CA GLN B 54 13.04 13.03 0.46
C GLN B 54 12.50 12.34 1.75
C GLN B 54 12.51 12.34 1.72
N ARG B 55 12.78 11.04 1.90
CA ARG B 55 12.14 10.31 2.98
C ARG B 55 12.71 10.73 4.33
N ARG B 56 11.82 11.11 5.25
N ARG B 56 11.82 11.14 5.23
CA ARG B 56 12.20 11.47 6.61
CA ARG B 56 12.17 11.46 6.61
C ARG B 56 11.83 10.34 7.56
C ARG B 56 11.87 10.26 7.51
N VAL B 57 12.73 10.04 8.49
CA VAL B 57 12.44 9.04 9.52
C VAL B 57 11.37 9.67 10.41
N THR B 58 10.16 9.15 10.33
CA THR B 58 9.00 9.91 10.78
C THR B 58 8.40 9.26 12.01
N PRO B 59 8.39 9.96 13.15
CA PRO B 59 7.73 9.40 14.33
C PRO B 59 6.26 9.15 14.07
N PRO B 60 5.67 8.16 14.73
CA PRO B 60 4.28 7.80 14.42
C PRO B 60 3.28 8.88 14.78
N GLU B 61 3.59 9.73 15.77
CA GLU B 61 2.70 10.82 16.13
C GLU B 61 2.65 11.87 15.03
N GLU B 62 3.61 11.86 14.10
CA GLU B 62 3.73 12.87 13.06
C GLU B 62 3.26 12.39 11.69
N SER B 63 2.76 11.18 11.58
CA SER B 63 2.18 10.70 10.35
C SER B 63 0.73 10.34 10.59
N ASP B 64 -0.04 10.33 9.51
CA ASP B 64 -1.44 9.97 9.59
C ASP B 64 -1.59 8.44 9.65
N TYR B 65 -2.84 7.98 9.61
CA TYR B 65 -3.19 6.59 9.85
C TYR B 65 -2.96 5.68 8.64
N THR B 66 -2.50 6.22 7.52
CA THR B 66 -2.20 5.38 6.36
C THR B 66 -1.26 4.25 6.76
N HIS B 67 -1.62 3.02 6.38
CA HIS B 67 -0.81 1.88 6.82
C HIS B 67 -1.00 0.68 5.92
N TYR B 68 -0.07 -0.28 6.05
CA TYR B 68 0.06 -1.43 5.16
C TYR B 68 0.05 -2.68 6.02
N ALA B 69 -0.96 -3.53 5.84
CA ALA B 69 -1.12 -4.74 6.64
C ALA B 69 -0.73 -5.96 5.82
N PHE B 70 0.07 -6.85 6.43
CA PHE B 70 0.47 -8.10 5.81
C PHE B 70 -0.30 -9.25 6.45
N SER B 71 -0.64 -10.25 5.64
CA SER B 71 -1.36 -11.41 6.15
C SER B 71 -0.42 -12.42 6.80
N ILE B 72 -0.91 -13.04 7.86
CA ILE B 72 -0.22 -14.11 8.57
C ILE B 72 -1.30 -15.00 9.15
N SER B 73 -1.00 -16.29 9.30
CA SER B 73 -1.98 -17.17 9.90
C SER B 73 -2.08 -16.90 11.40
N GLU B 74 -3.25 -17.23 11.97
CA GLU B 74 -3.40 -17.15 13.41
C GLU B 74 -2.34 -17.96 14.13
N ALA B 75 -2.04 -19.15 13.61
CA ALA B 75 -1.08 -20.03 14.27
C ALA B 75 0.32 -19.43 14.31
N ASP B 76 0.68 -18.61 13.32
CA ASP B 76 2.02 -18.04 13.25
C ASP B 76 2.12 -16.66 13.88
N PHE B 77 0.99 -16.02 14.21
CA PHE B 77 0.97 -14.62 14.60
C PHE B 77 1.85 -14.35 15.82
N ALA B 78 1.67 -15.11 16.90
CA ALA B 78 2.32 -14.76 18.16
C ALA B 78 3.83 -14.88 18.04
N SER B 79 4.32 -15.90 17.35
N SER B 79 4.30 -15.92 17.36
CA SER B 79 5.77 -16.06 17.25
CA SER B 79 5.73 -16.10 17.18
C SER B 79 6.37 -14.99 16.36
C SER B 79 6.33 -14.95 16.40
N PHE B 80 5.63 -14.51 15.35
CA PHE B 80 6.15 -13.44 14.51
C PHE B 80 6.18 -12.13 15.29
N ALA B 81 5.12 -11.85 16.06
CA ALA B 81 5.13 -10.66 16.90
C ALA B 81 6.30 -10.70 17.88
N ALA B 82 6.58 -11.88 18.45
CA ALA B 82 7.69 -12.02 19.38
C ALA B 82 9.03 -11.79 18.70
N ARG B 83 9.15 -12.21 17.44
CA ARG B 83 10.35 -11.94 16.66
C ARG B 83 10.58 -10.45 16.49
N LEU B 84 9.53 -9.73 16.11
CA LEU B 84 9.64 -8.27 15.98
C LEU B 84 10.01 -7.64 17.32
N GLU B 85 9.39 -8.11 18.41
N GLU B 85 9.40 -8.10 18.41
CA GLU B 85 9.71 -7.56 19.73
CA GLU B 85 9.73 -7.54 19.71
C GLU B 85 11.17 -7.81 20.09
C GLU B 85 11.17 -7.81 20.09
N ALA B 86 11.67 -9.02 19.81
CA ALA B 86 13.06 -9.33 20.11
C ALA B 86 14.00 -8.39 19.37
N ALA B 87 13.66 -8.06 18.13
CA ALA B 87 14.44 -7.15 17.30
C ALA B 87 14.25 -5.68 17.69
N GLY B 88 13.44 -5.39 18.69
CA GLY B 88 13.28 -4.02 19.13
C GLY B 88 12.41 -3.18 18.24
N VAL B 89 11.56 -3.80 17.43
CA VAL B 89 10.71 -3.05 16.52
C VAL B 89 9.60 -2.37 17.30
N ALA B 90 9.43 -1.07 17.08
CA ALA B 90 8.45 -0.29 17.83
C ALA B 90 7.02 -0.57 17.37
N VAL B 91 6.10 -0.55 18.34
CA VAL B 91 4.66 -0.66 18.13
C VAL B 91 4.05 0.73 18.15
N TRP B 92 3.11 0.98 17.24
CA TRP B 92 2.48 2.29 17.15
C TRP B 92 1.02 2.33 17.56
N LYS B 93 0.41 1.19 17.90
CA LYS B 93 -1.01 1.11 18.23
C LYS B 93 -1.24 -0.25 18.87
N LEU B 94 -2.20 -0.31 19.81
CA LEU B 94 -2.69 -1.60 20.31
C LEU B 94 -3.93 -2.02 19.53
N ASN B 95 -4.12 -3.34 19.41
CA ASN B 95 -5.30 -3.86 18.73
C ASN B 95 -6.56 -3.72 19.58
N ARG B 96 -7.60 -3.14 18.97
CA ARG B 96 -8.92 -3.05 19.60
C ARG B 96 -10.04 -3.45 18.64
N SER B 97 -9.72 -4.12 17.53
N SER B 97 -9.75 -4.21 17.59
CA SER B 97 -10.69 -4.52 16.51
CA SER B 97 -10.77 -4.57 16.61
C SER B 97 -10.72 -6.05 16.40
C SER B 97 -10.59 -6.03 16.24
N GLU B 98 -11.55 -6.56 15.49
CA GLU B 98 -11.64 -8.00 15.33
C GLU B 98 -10.50 -8.52 14.49
N GLY B 99 -10.05 -9.72 14.83
CA GLY B 99 -8.91 -10.31 14.18
C GLY B 99 -7.62 -9.85 14.83
N ALA B 100 -6.71 -10.79 15.03
CA ALA B 100 -5.42 -10.44 15.59
C ALA B 100 -4.71 -9.41 14.71
N SER B 101 -4.11 -8.41 15.37
CA SER B 101 -3.35 -7.39 14.67
C SER B 101 -2.19 -6.96 15.55
N HIS B 102 -1.03 -6.78 14.92
CA HIS B 102 0.18 -6.26 15.55
C HIS B 102 0.62 -5.07 14.73
N TYR B 103 0.72 -3.91 15.34
CA TYR B 103 0.97 -2.65 14.64
C TYR B 103 2.39 -2.19 14.90
N PHE B 104 3.22 -2.22 13.86
CA PHE B 104 4.65 -1.99 14.02
C PHE B 104 5.19 -1.05 12.96
N LEU B 105 6.36 -0.47 13.26
CA LEU B 105 6.98 0.53 12.40
C LEU B 105 8.20 -0.01 11.68
N ASP B 106 8.36 0.38 10.42
CA ASP B 106 9.59 0.09 9.68
C ASP B 106 10.66 1.12 10.05
N PRO B 107 11.88 0.95 9.54
CA PRO B 107 12.99 1.82 9.97
C PRO B 107 12.78 3.29 9.68
N ASP B 108 11.95 3.62 8.68
CA ASP B 108 11.64 5.01 8.35
C ASP B 108 10.34 5.48 8.96
N GLY B 109 9.69 4.64 9.76
CA GLY B 109 8.42 5.01 10.33
C GLY B 109 7.22 4.66 9.49
N HIS B 110 7.38 3.92 8.40
CA HIS B 110 6.19 3.45 7.70
C HIS B 110 5.36 2.60 8.66
N LYS B 111 4.06 2.86 8.67
CA LYS B 111 3.16 2.15 9.56
C LYS B 111 2.72 0.82 8.95
N LEU B 112 3.10 -0.27 9.60
CA LEU B 112 2.82 -1.62 9.17
C LEU B 112 1.93 -2.32 10.18
N GLU B 113 1.38 -3.46 9.75
CA GLU B 113 0.49 -4.25 10.57
C GLU B 113 0.61 -5.71 10.14
N LEU B 114 0.58 -6.62 11.10
CA LEU B 114 0.29 -8.01 10.85
C LEU B 114 -1.19 -8.19 11.17
N HIS B 115 -1.95 -8.77 10.26
CA HIS B 115 -3.36 -9.02 10.52
C HIS B 115 -3.77 -10.42 10.12
N VAL B 116 -4.62 -11.02 10.94
CA VAL B 116 -5.27 -12.29 10.68
C VAL B 116 -6.73 -12.02 10.36
N GLY B 117 -7.14 -12.34 9.16
CA GLY B 117 -8.55 -12.20 8.79
C GLY B 117 -8.72 -11.43 7.49
N SER B 118 -9.73 -11.84 6.74
CA SER B 118 -10.06 -11.29 5.43
C SER B 118 -11.09 -10.18 5.52
N LEU B 119 -11.32 -9.54 4.37
CA LEU B 119 -12.43 -8.61 4.27
C LEU B 119 -13.75 -9.30 4.58
N ALA B 120 -13.95 -10.52 4.08
CA ALA B 120 -15.18 -11.24 4.35
C ALA B 120 -15.39 -11.43 5.86
N GLN B 121 -14.32 -11.76 6.58
CA GLN B 121 -14.43 -11.93 8.02
C GLN B 121 -14.82 -10.62 8.69
N ARG B 122 -14.19 -9.53 8.26
CA ARG B 122 -14.50 -8.22 8.82
C ARG B 122 -15.94 -7.84 8.55
N LEU B 123 -16.39 -8.02 7.31
CA LEU B 123 -17.77 -7.67 6.96
C LEU B 123 -18.76 -8.49 7.76
N ALA B 124 -18.47 -9.77 7.97
CA ALA B 124 -19.38 -10.61 8.75
C ALA B 124 -19.50 -10.08 10.18
N ALA B 125 -18.38 -9.72 10.78
CA ALA B 125 -18.42 -9.16 12.14
C ALA B 125 -19.15 -7.83 12.16
N CYS B 126 -18.93 -7.00 11.14
CA CYS B 126 -19.61 -5.71 11.08
C CYS B 126 -21.11 -5.86 10.89
N ARG B 127 -21.54 -6.85 10.11
N ARG B 127 -21.54 -6.85 10.11
CA ARG B 127 -22.98 -7.06 9.95
CA ARG B 127 -22.98 -7.06 9.96
C ARG B 127 -23.65 -7.37 11.28
C ARG B 127 -23.63 -7.34 11.30
N GLU B 128 -22.95 -8.12 12.15
CA GLU B 128 -23.49 -8.46 13.46
C GLU B 128 -23.45 -7.28 14.42
N GLN B 129 -22.45 -6.40 14.26
CA GLN B 129 -22.21 -5.28 15.18
C GLN B 129 -21.76 -4.09 14.36
N PRO B 130 -22.68 -3.41 13.68
CA PRO B 130 -22.26 -2.37 12.74
C PRO B 130 -21.66 -1.16 13.44
N TYR B 131 -20.63 -0.61 12.81
CA TYR B 131 -20.07 0.65 13.25
C TYR B 131 -21.12 1.76 13.14
N LYS B 132 -20.85 2.88 13.81
CA LYS B 132 -21.79 4.01 13.79
C LYS B 132 -21.97 4.52 12.38
N GLY B 133 -23.22 4.56 11.93
CA GLY B 133 -23.54 5.02 10.60
C GLY B 133 -23.32 4.01 9.51
N MET B 134 -23.13 2.75 9.84
CA MET B 134 -22.68 1.79 8.85
C MET B 134 -23.82 1.32 7.95
N VAL B 135 -23.54 1.32 6.65
N VAL B 135 -23.58 1.35 6.65
CA VAL B 135 -24.42 0.88 5.58
CA VAL B 135 -24.48 0.78 5.66
C VAL B 135 -23.63 -0.11 4.73
C VAL B 135 -23.68 -0.09 4.72
N PHE B 136 -24.31 -1.16 4.26
CA PHE B 136 -23.70 -2.18 3.42
C PHE B 136 -24.24 -2.08 2.01
N PHE B 137 -23.44 -2.54 1.04
CA PHE B 137 -23.81 -2.44 -0.37
C PHE B 137 -23.64 -3.81 -1.02
C1 EDO C . -8.15 8.04 12.39
O1 EDO C . -8.14 7.46 11.09
C2 EDO C . -7.39 7.15 13.38
O2 EDO C . -7.87 5.81 13.26
H11 EDO C . -9.17 8.18 12.73
H12 EDO C . -7.67 9.03 12.36
HO1 EDO C . -8.60 8.05 10.47
H21 EDO C . -7.55 7.51 14.40
H22 EDO C . -6.32 7.19 13.18
HO2 EDO C . -7.43 5.25 13.92
C10 VNV D . -10.24 14.93 -9.75
C02 VNV D . -15.60 11.43 -9.18
C03 VNV D . -14.74 12.18 -9.93
C04 VNV D . -13.70 12.53 -9.03
C07 VNV D . -12.51 13.37 -9.29
C08 VNV D . -11.61 13.65 -8.26
C09 VNV D . -10.49 14.42 -8.49
C11 VNV D . -11.12 14.66 -10.78
C12 VNV D . -12.25 13.88 -10.55
N01 VNV D . -16.75 10.83 -9.45
N05 VNV D . -13.91 12.05 -7.83
O06 VNV D . -15.13 11.33 -7.92
H1 VNV D . -9.45 15.47 -9.90
H2 VNV D . -14.84 12.40 -10.88
H3 VNV D . -11.76 13.30 -7.35
H4 VNV D . -9.87 14.60 -7.76
H5 VNV D . -10.94 15.02 -11.67
H6 VNV D . -12.85 13.72 -11.31
H7 VNV D . -17.13 10.86 -10.24
H8 VNV D . -17.20 10.37 -8.85
C10 VNV E . -23.46 5.93 4.56
C02 VNV E . -24.51 10.11 -0.19
C03 VNV E . -24.34 9.83 1.13
C04 VNV E . -24.22 8.42 1.19
C07 VNV E . -23.96 7.56 2.36
C08 VNV E . -23.98 6.17 2.24
C09 VNV E . -23.73 5.37 3.34
C11 VNV E . -23.43 7.30 4.69
C12 VNV E . -23.68 8.12 3.60
N01 VNV E . -24.63 11.26 -0.84
N05 VNV E . -24.32 7.88 -0.01
O06 VNV E . -24.52 8.96 -0.91
H1 VNV E . -23.28 5.37 5.34
H2 VNV E . -24.30 10.48 1.87
H3 VNV E . -24.17 5.74 1.38
H4 VNV E . -23.75 4.39 3.25
H5 VNV E . -23.25 7.71 5.57
H6 VNV E . -23.65 9.10 3.72
H7 VNV E . -24.60 12.05 -0.44
H8 VNV E . -24.75 11.30 -1.71
MN MN F . 5.31 2.26 -9.25
MN MN G . -5.33 -2.06 9.48
#